data_2P67
#
_entry.id   2P67
#
_cell.length_a   56.311
_cell.length_b   108.452
_cell.length_c   141.296
_cell.angle_alpha   90.000
_cell.angle_beta   90.000
_cell.angle_gamma   90.000
#
_symmetry.space_group_name_H-M   'I 2 2 2'
#
loop_
_entity.id
_entity.type
_entity.pdbx_description
1 polymer 'LAO/AO transport system kinase'
2 non-polymer 'SODIUM ION'
3 non-polymer 'CHLORIDE ION'
4 water water
#
_entity_poly.entity_id   1
_entity_poly.type   'polypeptide(L)'
_entity_poly.pdbx_seq_one_letter_code
;MSLINEATLAESIRRLRQGERATLAQAMTLVESRHPRHQALSTQLLDAIMPYCGNTLRLGVTGTPGAGKSTFLEAFGMLL
IREGLKVAVIAVDPSSPVTGGSILGDKTRMNDLARAEAAFIRPVPSSGHLGGASQRARELMLLCEAAGYDVVIVETVGVG
QSETEVARMVDCFISLQIAGGGDDLQGIKKGLMEVADLIVINKDDGDNHTNVAIARHMYESALHILRRKYDEWQPRVLTC
SALEKRGIDEIWHAIIDFKTALTASGRLQQVRQQQSVEWLRKQTEEEVLNHLFANEDFDRYYRQTLLAVKNNTLSPRTGL
RQLSEFIQTQYFDEGHHHHHH
;
_entity_poly.pdbx_strand_id   A
#
loop_
_chem_comp.id
_chem_comp.type
_chem_comp.name
_chem_comp.formula
CL non-polymer 'CHLORIDE ION' 'Cl -1'
NA non-polymer 'SODIUM ION' 'Na 1'
#
# COMPACT_ATOMS: atom_id res chain seq x y z
N SER A 2 8.23 29.26 3.28
CA SER A 2 8.27 29.57 4.73
C SER A 2 9.02 28.48 5.50
N LEU A 3 9.72 28.88 6.56
CA LEU A 3 10.46 27.94 7.38
C LEU A 3 9.53 27.01 8.14
N ILE A 4 9.95 25.77 8.26
CA ILE A 4 9.28 24.85 9.17
CA ILE A 4 9.28 24.80 9.14
C ILE A 4 10.18 24.53 10.35
N ASN A 5 9.69 24.85 11.53
CA ASN A 5 10.42 24.63 12.76
C ASN A 5 9.47 24.56 13.92
N GLU A 6 9.99 24.33 15.12
CA GLU A 6 9.17 24.17 16.30
C GLU A 6 8.26 25.39 16.54
N ALA A 7 8.80 26.60 16.42
CA ALA A 7 8.02 27.83 16.54
C ALA A 7 6.91 28.00 15.47
N THR A 8 7.19 27.60 14.23
CA THR A 8 6.23 27.79 13.13
C THR A 8 5.34 26.57 12.83
N LEU A 9 5.47 25.52 13.63
CA LEU A 9 4.78 24.25 13.32
C LEU A 9 3.28 24.40 13.08
N ALA A 10 2.59 25.14 13.94
CA ALA A 10 1.15 25.30 13.82
C ALA A 10 0.74 26.02 12.54
N GLU A 11 1.44 27.09 12.15
CA GLU A 11 1.11 27.79 10.91
C GLU A 11 1.45 26.92 9.68
N SER A 12 2.53 26.15 9.80
CA SER A 12 2.91 25.19 8.75
C SER A 12 1.84 24.14 8.53
N ILE A 13 1.30 23.63 9.63
CA ILE A 13 0.14 22.71 9.56
C ILE A 13 -1.07 23.37 8.89
N ARG A 14 -1.36 24.62 9.26
N ARG A 14 -1.37 24.61 9.24
CA ARG A 14 -2.41 25.41 8.61
CA ARG A 14 -2.48 25.31 8.56
C ARG A 14 -2.23 25.42 7.09
C ARG A 14 -2.26 25.45 7.05
N ARG A 15 -1.03 25.78 6.63
CA ARG A 15 -0.70 25.85 5.20
C ARG A 15 -0.89 24.48 4.55
N LEU A 16 -0.49 23.45 5.29
CA LEU A 16 -0.58 22.07 4.80
C LEU A 16 -2.04 21.70 4.56
N ARG A 17 -2.87 21.97 5.56
CA ARG A 17 -4.29 21.64 5.48
C ARG A 17 -5.03 22.42 4.41
N GLN A 18 -4.51 23.59 4.06
CA GLN A 18 -5.11 24.41 3.00
C GLN A 18 -4.72 23.89 1.61
N GLY A 19 -3.90 22.85 1.57
CA GLY A 19 -3.55 22.18 0.33
C GLY A 19 -2.40 22.83 -0.41
N GLU A 20 -1.62 23.65 0.30
CA GLU A 20 -0.46 24.29 -0.32
C GLU A 20 0.61 23.25 -0.65
N ARG A 21 0.89 23.10 -1.94
CA ARG A 21 1.78 22.03 -2.42
C ARG A 21 3.23 22.17 -1.96
N ALA A 22 3.71 23.42 -1.84
CA ALA A 22 5.10 23.65 -1.40
C ALA A 22 5.30 23.18 0.04
N THR A 23 4.28 23.40 0.89
CA THR A 23 4.35 22.97 2.28
C THR A 23 4.26 21.44 2.39
N LEU A 24 3.41 20.82 1.60
CA LEU A 24 3.36 19.36 1.56
C LEU A 24 4.73 18.78 1.20
N ALA A 25 5.36 19.29 0.14
CA ALA A 25 6.67 18.79 -0.28
C ALA A 25 7.69 18.99 0.83
N GLN A 26 7.66 20.17 1.45
CA GLN A 26 8.57 20.49 2.55
C GLN A 26 8.37 19.54 3.73
N ALA A 27 7.12 19.28 4.08
CA ALA A 27 6.79 18.36 5.18
C ALA A 27 7.27 16.92 4.89
N MET A 28 7.05 16.47 3.66
CA MET A 28 7.56 15.17 3.25
C MET A 28 9.10 15.10 3.37
N THR A 29 9.80 16.13 2.87
CA THR A 29 11.26 16.19 2.98
C THR A 29 11.73 16.11 4.42
N LEU A 30 11.03 16.83 5.29
CA LEU A 30 11.31 16.80 6.73
C LEU A 30 11.16 15.41 7.32
N VAL A 31 10.07 14.74 6.98
CA VAL A 31 9.80 13.35 7.39
C VAL A 31 10.87 12.37 6.86
N GLU A 32 11.47 12.70 5.72
CA GLU A 32 12.53 11.87 5.13
C GLU A 32 13.96 12.17 5.61
N SER A 33 14.13 13.24 6.37
CA SER A 33 15.45 13.61 6.89
C SER A 33 15.87 12.70 8.06
N ARG A 34 17.15 12.33 8.06
CA ARG A 34 17.72 11.53 9.15
C ARG A 34 18.42 12.40 10.22
N HIS A 35 18.45 13.71 9.99
CA HIS A 35 18.95 14.63 10.99
C HIS A 35 18.10 14.52 12.25
N PRO A 36 18.75 14.18 13.40
CA PRO A 36 18.04 13.95 14.66
C PRO A 36 17.03 15.03 15.04
N ARG A 37 17.33 16.29 14.74
CA ARG A 37 16.42 17.39 15.04
C ARG A 37 15.14 17.32 14.21
N HIS A 38 15.32 16.98 12.93
CA HIS A 38 14.22 16.84 11.99
C HIS A 38 13.36 15.63 12.38
N GLN A 39 14.01 14.57 12.86
CA GLN A 39 13.26 13.40 13.33
C GLN A 39 12.33 13.71 14.50
N ALA A 40 12.79 14.54 15.45
CA ALA A 40 11.90 14.97 16.56
C ALA A 40 10.77 15.95 16.16
N LEU A 41 11.08 16.90 15.29
CA LEU A 41 10.05 17.79 14.77
C LEU A 41 9.03 17.02 13.91
N SER A 42 9.53 16.02 13.17
CA SER A 42 8.69 15.15 12.34
C SER A 42 7.68 14.39 13.19
N THR A 43 8.18 13.87 14.30
CA THR A 43 7.34 13.22 15.30
C THR A 43 6.21 14.16 15.83
N GLN A 44 6.57 15.41 16.13
CA GLN A 44 5.58 16.41 16.57
C GLN A 44 4.54 16.67 15.47
N LEU A 45 5.01 16.82 14.23
CA LEU A 45 4.12 17.08 13.10
C LEU A 45 3.13 15.93 12.91
N LEU A 46 3.64 14.71 12.90
CA LEU A 46 2.80 13.54 12.65
C LEU A 46 1.75 13.37 13.76
N ASP A 47 2.17 13.52 15.01
CA ASP A 47 1.20 13.53 16.13
C ASP A 47 0.14 14.59 15.92
N ALA A 48 0.57 15.79 15.56
CA ALA A 48 -0.36 16.91 15.43
C ALA A 48 -1.40 16.74 14.32
N ILE A 49 -1.04 16.06 13.23
CA ILE A 49 -1.97 15.99 12.10
C ILE A 49 -2.99 14.86 12.17
N MET A 50 -2.83 13.94 13.14
CA MET A 50 -3.68 12.75 13.20
C MET A 50 -5.19 13.08 13.13
N PRO A 51 -5.66 14.12 13.86
CA PRO A 51 -7.10 14.44 13.77
C PRO A 51 -7.61 14.85 12.38
N TYR A 52 -6.72 15.27 11.49
CA TYR A 52 -7.07 15.75 10.15
C TYR A 52 -7.02 14.64 9.08
N CYS A 53 -6.60 13.45 9.50
CA CYS A 53 -6.52 12.32 8.58
C CYS A 53 -7.82 11.49 8.52
N GLY A 54 -7.93 10.54 7.58
CA GLY A 54 -9.01 9.55 7.61
C GLY A 54 -10.25 9.76 6.75
N ASN A 55 -10.24 10.80 5.93
CA ASN A 55 -11.34 11.09 5.01
C ASN A 55 -10.87 11.12 3.56
N THR A 56 -10.03 10.16 3.24
CA THR A 56 -9.40 10.06 1.92
C THR A 56 -9.55 8.60 1.45
N LEU A 57 -9.97 8.42 0.20
CA LEU A 57 -9.98 7.09 -0.40
C LEU A 57 -8.53 6.66 -0.68
N ARG A 58 -8.11 5.57 -0.04
CA ARG A 58 -6.73 5.07 -0.16
C ARG A 58 -6.74 3.88 -1.12
N LEU A 59 -6.06 4.05 -2.25
CA LEU A 59 -5.98 2.98 -3.24
C LEU A 59 -4.58 2.40 -3.35
N GLY A 60 -4.49 1.09 -3.54
CA GLY A 60 -3.21 0.47 -3.86
C GLY A 60 -3.26 -0.04 -5.28
N VAL A 61 -2.17 0.19 -6.01
CA VAL A 61 -2.08 -0.25 -7.38
C VAL A 61 -0.73 -0.96 -7.59
N THR A 62 -0.75 -2.23 -7.95
CA THR A 62 0.49 -2.90 -8.38
C THR A 62 0.43 -3.23 -9.87
N GLY A 63 1.59 -3.29 -10.51
CA GLY A 63 1.62 -3.75 -11.89
C GLY A 63 2.81 -4.67 -12.07
N THR A 64 2.60 -5.79 -12.77
CA THR A 64 3.71 -6.66 -13.14
C THR A 64 4.53 -5.97 -14.24
N PRO A 65 5.81 -6.36 -14.39
CA PRO A 65 6.58 -5.84 -15.54
C PRO A 65 5.84 -6.07 -16.86
N GLY A 66 5.66 -5.00 -17.63
CA GLY A 66 4.97 -5.04 -18.92
C GLY A 66 3.47 -4.88 -18.85
N ALA A 67 2.94 -4.59 -17.65
CA ALA A 67 1.49 -4.49 -17.43
C ALA A 67 0.90 -3.11 -17.77
N GLY A 68 1.77 -2.14 -18.04
CA GLY A 68 1.37 -0.79 -18.45
C GLY A 68 0.92 0.09 -17.29
N LYS A 69 1.59 -0.08 -16.15
CA LYS A 69 1.22 0.62 -14.92
C LYS A 69 1.31 2.14 -15.09
N SER A 70 2.38 2.62 -15.72
CA SER A 70 2.57 4.06 -15.92
C SER A 70 1.43 4.69 -16.74
N THR A 71 1.08 4.07 -17.86
CA THR A 71 0.02 4.61 -18.73
C THR A 71 -1.33 4.53 -18.05
N PHE A 72 -1.58 3.42 -17.35
CA PHE A 72 -2.81 3.27 -16.60
C PHE A 72 -2.95 4.34 -15.53
N LEU A 73 -1.91 4.52 -14.71
CA LEU A 73 -1.94 5.53 -13.65
C LEU A 73 -2.19 6.94 -14.16
N GLU A 74 -1.57 7.27 -15.28
CA GLU A 74 -1.77 8.57 -15.91
C GLU A 74 -3.23 8.73 -16.35
N ALA A 75 -3.74 7.76 -17.10
CA ALA A 75 -5.15 7.80 -17.53
C ALA A 75 -6.12 7.84 -16.36
N PHE A 76 -5.89 6.97 -15.36
CA PHE A 76 -6.78 6.88 -14.20
C PHE A 76 -6.73 8.19 -13.40
N GLY A 77 -5.51 8.68 -13.17
CA GLY A 77 -5.29 9.93 -12.42
C GLY A 77 -6.00 11.10 -13.09
N MET A 78 -5.82 11.21 -14.41
CA MET A 78 -6.47 12.28 -15.19
C MET A 78 -7.99 12.18 -15.16
N LEU A 79 -8.53 10.96 -15.16
CA LEU A 79 -9.98 10.79 -14.98
C LEU A 79 -10.47 11.37 -13.65
N LEU A 80 -9.75 11.08 -12.57
CA LEU A 80 -10.14 11.56 -11.24
C LEU A 80 -10.11 13.08 -11.19
N ILE A 81 -9.10 13.67 -11.84
CA ILE A 81 -8.97 15.12 -11.86
C ILE A 81 -10.11 15.76 -12.65
N ARG A 82 -10.45 15.17 -13.80
CA ARG A 82 -11.64 15.58 -14.55
C ARG A 82 -12.91 15.52 -13.71
N GLU A 83 -13.00 14.56 -12.79
CA GLU A 83 -14.14 14.47 -11.86
C GLU A 83 -14.10 15.56 -10.79
N GLY A 84 -13.08 16.41 -10.85
CA GLY A 84 -12.87 17.47 -9.86
C GLY A 84 -12.24 17.03 -8.55
N LEU A 85 -11.51 15.90 -8.58
CA LEU A 85 -10.86 15.40 -7.36
C LEU A 85 -9.37 15.74 -7.33
N LYS A 86 -8.81 15.79 -6.12
CA LYS A 86 -7.39 15.99 -5.90
C LYS A 86 -6.80 14.60 -5.61
N VAL A 87 -5.79 14.21 -6.39
N VAL A 87 -5.75 14.25 -6.37
CA VAL A 87 -5.18 12.88 -6.26
CA VAL A 87 -5.12 12.94 -6.34
C VAL A 87 -3.66 12.95 -6.05
C VAL A 87 -3.65 13.05 -5.97
N ALA A 88 -3.20 12.20 -5.05
CA ALA A 88 -1.77 12.10 -4.72
C ALA A 88 -1.34 10.68 -5.07
N VAL A 89 -0.11 10.56 -5.58
CA VAL A 89 0.48 9.27 -5.93
C VAL A 89 1.79 9.07 -5.15
N ILE A 90 1.85 8.00 -4.37
CA ILE A 90 3.03 7.62 -3.62
C ILE A 90 3.64 6.42 -4.36
N ALA A 91 4.77 6.68 -5.01
CA ALA A 91 5.45 5.72 -5.90
C ALA A 91 6.58 4.98 -5.16
N VAL A 92 6.29 3.77 -4.71
CA VAL A 92 7.21 3.06 -3.82
C VAL A 92 8.21 2.24 -4.64
N ASP A 93 9.48 2.35 -4.30
CA ASP A 93 10.49 1.56 -5.01
C ASP A 93 10.38 0.08 -4.67
N PRO A 94 10.62 -0.81 -5.66
CA PRO A 94 10.57 -2.25 -5.37
C PRO A 94 11.68 -2.63 -4.37
N SER A 95 11.42 -3.62 -3.50
CA SER A 95 12.42 -4.12 -2.55
C SER A 95 13.67 -4.63 -3.25
N ASN A 111 4.73 13.34 -17.54
CA ASN A 111 3.48 13.01 -18.21
C ASN A 111 2.36 13.98 -17.85
N ASP A 112 1.15 13.69 -18.31
CA ASP A 112 0.01 14.58 -18.08
C ASP A 112 -0.38 14.73 -16.63
N LEU A 113 -0.26 13.65 -15.86
CA LEU A 113 -0.54 13.68 -14.41
C LEU A 113 0.45 14.60 -13.69
N ALA A 114 1.71 14.55 -14.11
CA ALA A 114 2.77 15.43 -13.58
C ALA A 114 2.46 16.92 -13.77
N ARG A 115 1.72 17.23 -14.84
CA ARG A 115 1.41 18.60 -15.21
C ARG A 115 0.12 19.09 -14.58
N ALA A 116 -0.63 18.19 -13.94
CA ALA A 116 -1.89 18.57 -13.33
C ALA A 116 -1.66 19.22 -11.98
N GLU A 117 -2.23 20.41 -11.77
CA GLU A 117 -2.05 21.10 -10.48
C GLU A 117 -2.84 20.43 -9.34
N ALA A 118 -3.88 19.68 -9.71
CA ALA A 118 -4.69 18.94 -8.74
C ALA A 118 -4.10 17.57 -8.43
N ALA A 119 -2.90 17.28 -8.96
CA ALA A 119 -2.17 16.07 -8.59
C ALA A 119 -0.87 16.36 -7.80
N PHE A 120 -0.30 15.30 -7.22
CA PHE A 120 0.92 15.43 -6.44
C PHE A 120 1.58 14.05 -6.47
N ILE A 121 2.79 13.97 -6.98
CA ILE A 121 3.51 12.69 -7.12
C ILE A 121 4.80 12.67 -6.30
N ARG A 122 4.99 11.66 -5.45
CA ARG A 122 6.19 11.56 -4.60
C ARG A 122 6.73 10.13 -4.55
N PRO A 123 8.04 9.94 -4.84
CA PRO A 123 8.67 8.62 -4.73
C PRO A 123 9.10 8.26 -3.30
N VAL A 124 9.04 6.97 -2.98
CA VAL A 124 9.54 6.48 -1.72
C VAL A 124 10.68 5.50 -2.01
N PRO A 125 11.91 5.82 -1.54
CA PRO A 125 13.09 4.95 -1.73
C PRO A 125 12.98 3.62 -0.96
N SER A 126 13.47 2.53 -1.57
CA SER A 126 13.58 1.22 -0.92
C SER A 126 14.10 1.34 0.52
N GLY A 132 9.47 0.12 7.18
CA GLY A 132 10.65 0.73 6.56
C GLY A 132 10.23 1.74 5.51
N ALA A 133 10.36 1.35 4.24
CA ALA A 133 9.69 2.09 3.18
C ALA A 133 8.20 1.93 3.43
N SER A 134 7.82 0.84 4.10
CA SER A 134 6.43 0.63 4.49
C SER A 134 5.95 1.68 5.49
N GLN A 135 6.72 1.90 6.57
CA GLN A 135 6.39 2.98 7.51
C GLN A 135 6.41 4.33 6.79
N ARG A 136 7.40 4.54 5.92
CA ARG A 136 7.53 5.79 5.19
C ARG A 136 6.34 6.08 4.26
N ALA A 137 5.92 5.07 3.50
CA ALA A 137 4.74 5.20 2.64
C ALA A 137 3.52 5.62 3.45
N ARG A 138 3.31 4.95 4.58
CA ARG A 138 2.18 5.26 5.45
C ARG A 138 2.21 6.71 5.96
N GLU A 139 3.38 7.16 6.41
CA GLU A 139 3.49 8.54 6.90
C GLU A 139 3.23 9.58 5.79
N LEU A 140 3.76 9.32 4.59
CA LEU A 140 3.54 10.23 3.48
C LEU A 140 2.05 10.26 3.11
N MET A 141 1.39 9.09 3.16
CA MET A 141 -0.06 8.99 2.94
C MET A 141 -0.84 9.84 3.94
N LEU A 142 -0.45 9.77 5.22
CA LEU A 142 -1.06 10.63 6.26
C LEU A 142 -0.93 12.12 5.93
N LEU A 143 0.26 12.54 5.46
CA LEU A 143 0.47 13.94 5.07
C LEU A 143 -0.49 14.33 3.95
N CYS A 144 -0.65 13.45 2.96
CA CYS A 144 -1.59 13.71 1.88
C CYS A 144 -3.04 13.84 2.38
N GLU A 145 -3.40 13.00 3.37
CA GLU A 145 -4.74 13.04 3.96
C GLU A 145 -4.96 14.37 4.65
N ALA A 146 -3.99 14.77 5.45
CA ALA A 146 -4.09 16.04 6.18
C ALA A 146 -4.13 17.23 5.20
N ALA A 147 -3.45 17.09 4.05
CA ALA A 147 -3.44 18.10 2.98
C ALA A 147 -4.75 18.20 2.16
N GLY A 148 -5.69 17.30 2.41
CA GLY A 148 -7.01 17.37 1.82
C GLY A 148 -7.17 16.66 0.50
N TYR A 149 -6.22 15.78 0.14
CA TYR A 149 -6.39 14.97 -1.05
C TYR A 149 -7.62 14.06 -0.95
N ASP A 150 -8.34 13.91 -2.06
CA ASP A 150 -9.54 13.10 -2.12
C ASP A 150 -9.21 11.61 -2.26
N VAL A 151 -8.16 11.35 -3.03
CA VAL A 151 -7.71 9.99 -3.32
C VAL A 151 -6.19 9.98 -3.19
N VAL A 152 -5.66 9.03 -2.43
CA VAL A 152 -4.23 8.76 -2.40
CA VAL A 152 -4.23 8.78 -2.42
C VAL A 152 -3.97 7.37 -2.95
N ILE A 153 -3.06 7.28 -3.91
CA ILE A 153 -2.72 6.02 -4.56
C ILE A 153 -1.30 5.65 -4.20
N VAL A 154 -1.13 4.48 -3.59
CA VAL A 154 0.21 3.97 -3.35
CA VAL A 154 0.20 3.92 -3.34
C VAL A 154 0.46 2.90 -4.43
N GLU A 155 1.58 3.03 -5.12
CA GLU A 155 1.81 2.11 -6.23
C GLU A 155 3.21 1.52 -6.23
N THR A 156 3.32 0.27 -6.66
CA THR A 156 4.62 -0.35 -6.80
C THR A 156 4.51 -1.53 -7.76
N VAL A 157 5.66 -2.10 -8.09
CA VAL A 157 5.72 -3.28 -8.95
C VAL A 157 5.17 -4.47 -8.20
N GLY A 158 4.39 -5.29 -8.89
CA GLY A 158 3.89 -6.53 -8.35
C GLY A 158 4.94 -7.57 -8.61
N VAL A 159 5.63 -7.95 -7.54
CA VAL A 159 6.73 -8.92 -7.56
C VAL A 159 6.90 -9.39 -6.13
N GLY A 160 7.24 -10.67 -5.96
CA GLY A 160 7.33 -11.25 -4.63
C GLY A 160 6.03 -11.10 -3.86
N GLN A 161 6.10 -10.39 -2.75
CA GLN A 161 4.97 -10.26 -1.82
C GLN A 161 4.46 -8.81 -1.76
N SER A 162 4.82 -8.01 -2.76
CA SER A 162 4.52 -6.58 -2.74
C SER A 162 3.00 -6.32 -2.74
N GLU A 163 2.23 -7.22 -3.37
CA GLU A 163 0.77 -7.09 -3.38
C GLU A 163 0.24 -7.13 -1.95
N THR A 164 0.68 -8.09 -1.14
CA THR A 164 0.14 -8.20 0.21
C THR A 164 0.59 -7.04 1.11
N GLU A 165 1.82 -6.56 0.90
CA GLU A 165 2.37 -5.40 1.63
C GLU A 165 1.58 -4.10 1.36
N VAL A 166 1.33 -3.82 0.08
CA VAL A 166 0.52 -2.65 -0.31
C VAL A 166 -0.93 -2.83 0.19
N ALA A 167 -1.44 -4.06 0.05
CA ALA A 167 -2.84 -4.33 0.39
C ALA A 167 -3.16 -3.97 1.83
N ARG A 168 -2.17 -4.13 2.71
CA ARG A 168 -2.32 -3.92 4.16
C ARG A 168 -2.45 -2.46 4.57
N MET A 169 -2.19 -1.54 3.64
CA MET A 169 -2.32 -0.12 3.96
C MET A 169 -3.37 0.65 3.14
N VAL A 170 -4.23 -0.05 2.40
CA VAL A 170 -5.16 0.66 1.49
C VAL A 170 -6.60 0.16 1.67
N ASP A 171 -7.55 0.99 1.24
CA ASP A 171 -8.99 0.69 1.31
C ASP A 171 -9.36 -0.31 0.21
N CYS A 172 -8.74 -0.14 -0.95
CA CYS A 172 -9.07 -0.95 -2.14
C CYS A 172 -7.79 -1.24 -2.91
N PHE A 173 -7.54 -2.54 -3.15
CA PHE A 173 -6.31 -3.00 -3.77
C PHE A 173 -6.56 -3.48 -5.21
N ILE A 174 -5.86 -2.87 -6.14
CA ILE A 174 -6.03 -3.10 -7.58
C ILE A 174 -4.73 -3.64 -8.18
N SER A 175 -4.81 -4.77 -8.87
CA SER A 175 -3.62 -5.38 -9.46
C SER A 175 -3.71 -5.35 -10.98
N LEU A 176 -2.67 -4.81 -11.61
CA LEU A 176 -2.58 -4.81 -13.07
C LEU A 176 -1.78 -6.00 -13.55
N GLN A 177 -2.36 -6.66 -14.54
CA GLN A 177 -1.76 -7.88 -15.09
C GLN A 177 -1.66 -7.75 -16.61
N ILE A 178 -0.73 -8.50 -17.19
CA ILE A 178 -0.65 -8.51 -18.64
C ILE A 178 -1.13 -9.85 -19.21
N ALA A 179 -1.70 -9.82 -20.41
CA ALA A 179 -2.33 -10.99 -21.04
C ALA A 179 -1.37 -12.17 -21.16
N GLN A 186 3.72 -20.31 -15.29
CA GLN A 186 3.30 -20.49 -13.90
C GLN A 186 1.87 -19.97 -13.71
N GLY A 187 1.13 -20.60 -12.81
CA GLY A 187 -0.24 -20.18 -12.55
C GLY A 187 -0.35 -18.91 -11.72
N ILE A 188 -1.58 -18.57 -11.37
CA ILE A 188 -1.88 -17.36 -10.62
C ILE A 188 -1.27 -17.41 -9.21
N LYS A 189 -0.61 -16.32 -8.81
CA LYS A 189 -0.03 -16.22 -7.47
C LYS A 189 -1.11 -16.28 -6.38
N LYS A 190 -0.96 -17.20 -5.41
CA LYS A 190 -1.93 -17.30 -4.32
C LYS A 190 -2.01 -16.04 -3.43
N GLY A 191 -0.87 -15.40 -3.21
CA GLY A 191 -0.81 -14.17 -2.42
C GLY A 191 -1.65 -13.07 -3.05
N LEU A 192 -1.67 -13.05 -4.38
CA LEU A 192 -2.51 -12.09 -5.10
C LEU A 192 -4.00 -12.37 -4.87
N MET A 193 -4.40 -13.65 -4.98
CA MET A 193 -5.78 -14.04 -4.68
C MET A 193 -6.20 -13.65 -3.27
N GLU A 194 -5.27 -13.73 -2.32
CA GLU A 194 -5.54 -13.35 -0.93
CA GLU A 194 -5.53 -13.36 -0.93
C GLU A 194 -6.02 -11.91 -0.77
N VAL A 195 -5.49 -11.03 -1.62
CA VAL A 195 -5.65 -9.57 -1.41
C VAL A 195 -6.37 -8.79 -2.50
N ALA A 196 -6.45 -9.34 -3.73
CA ALA A 196 -7.04 -8.59 -4.85
C ALA A 196 -8.47 -8.17 -4.61
N ASP A 197 -8.76 -6.87 -4.75
CA ASP A 197 -10.16 -6.39 -4.78
C ASP A 197 -10.64 -6.25 -6.23
N LEU A 198 -9.71 -5.77 -7.08
CA LEU A 198 -9.92 -5.68 -8.53
CA LEU A 198 -9.91 -5.68 -8.53
C LEU A 198 -8.67 -6.15 -9.26
N ILE A 199 -8.84 -6.86 -10.38
CA ILE A 199 -7.77 -7.20 -11.27
C ILE A 199 -8.05 -6.50 -12.59
N VAL A 200 -7.03 -5.89 -13.18
CA VAL A 200 -7.20 -5.16 -14.43
C VAL A 200 -6.19 -5.68 -15.45
N ILE A 201 -6.66 -6.01 -16.66
CA ILE A 201 -5.78 -6.44 -17.74
C ILE A 201 -5.66 -5.27 -18.70
N ASN A 202 -4.49 -4.62 -18.71
CA ASN A 202 -4.29 -3.43 -19.56
C ASN A 202 -3.87 -3.87 -20.97
N LYS A 203 -3.92 -2.95 -21.92
CA LYS A 203 -3.47 -3.17 -23.31
C LYS A 203 -4.45 -4.05 -24.07
N ASP A 204 -5.73 -3.89 -23.75
CA ASP A 204 -6.81 -4.44 -24.55
C ASP A 204 -6.99 -3.54 -25.77
N ASP A 205 -6.04 -3.63 -26.69
CA ASP A 205 -5.99 -2.77 -27.87
C ASP A 205 -5.28 -3.48 -29.01
N GLY A 206 -5.43 -2.95 -30.22
CA GLY A 206 -4.77 -3.53 -31.40
C GLY A 206 -5.26 -4.95 -31.68
N ASP A 207 -4.32 -5.88 -31.75
CA ASP A 207 -4.63 -7.24 -32.19
C ASP A 207 -4.68 -8.31 -31.10
N ASN A 208 -4.39 -7.96 -29.85
CA ASN A 208 -4.45 -9.01 -28.82
C ASN A 208 -5.73 -9.08 -27.97
N HIS A 209 -6.88 -8.80 -28.57
CA HIS A 209 -8.14 -8.93 -27.81
C HIS A 209 -8.36 -10.34 -27.23
N THR A 210 -8.12 -11.36 -28.04
CA THR A 210 -8.35 -12.73 -27.60
C THR A 210 -7.42 -13.11 -26.43
N ASN A 211 -6.13 -12.75 -26.55
CA ASN A 211 -5.17 -13.00 -25.46
C ASN A 211 -5.60 -12.32 -24.15
N VAL A 212 -6.08 -11.08 -24.27
CA VAL A 212 -6.62 -10.32 -23.12
C VAL A 212 -7.89 -10.99 -22.55
N ALA A 213 -8.80 -11.41 -23.43
CA ALA A 213 -10.03 -12.09 -22.97
C ALA A 213 -9.75 -13.39 -22.22
N ILE A 214 -8.74 -14.13 -22.67
CA ILE A 214 -8.37 -15.39 -22.03
C ILE A 214 -7.76 -15.12 -20.65
N ALA A 215 -6.88 -14.13 -20.56
CA ALA A 215 -6.29 -13.77 -19.27
C ALA A 215 -7.39 -13.28 -18.29
N ARG A 216 -8.26 -12.41 -18.78
CA ARG A 216 -9.34 -11.89 -17.96
C ARG A 216 -10.21 -13.05 -17.44
N HIS A 217 -10.53 -13.99 -18.33
CA HIS A 217 -11.34 -15.16 -17.95
C HIS A 217 -10.68 -16.01 -16.85
N MET A 218 -9.37 -16.20 -16.95
CA MET A 218 -8.62 -17.04 -16.03
C MET A 218 -8.66 -16.46 -14.61
N TYR A 219 -8.34 -15.17 -14.46
CA TYR A 219 -8.43 -14.51 -13.15
C TYR A 219 -9.82 -14.57 -12.58
N GLU A 220 -10.81 -14.37 -13.46
CA GLU A 220 -12.20 -14.41 -13.02
C GLU A 220 -12.60 -15.80 -12.54
N SER A 221 -12.12 -16.86 -13.21
CA SER A 221 -12.43 -18.20 -12.75
C SER A 221 -11.95 -18.37 -11.32
N ALA A 222 -10.68 -18.00 -11.07
CA ALA A 222 -10.10 -18.13 -9.73
C ALA A 222 -10.92 -17.32 -8.70
N LEU A 223 -11.25 -16.08 -9.06
CA LEU A 223 -11.92 -15.18 -8.10
C LEU A 223 -13.40 -15.50 -7.86
N HIS A 224 -14.03 -16.20 -8.81
CA HIS A 224 -15.38 -16.70 -8.61
C HIS A 224 -15.43 -17.97 -7.76
N ILE A 225 -14.39 -18.82 -7.83
CA ILE A 225 -14.38 -20.15 -7.17
C ILE A 225 -13.88 -20.08 -5.72
N LEU A 226 -12.87 -19.24 -5.49
CA LEU A 226 -12.33 -19.02 -4.12
C LEU A 226 -13.26 -18.22 -3.22
N ARG A 227 -13.24 -18.57 -1.93
CA ARG A 227 -13.98 -17.81 -0.90
C ARG A 227 -13.64 -16.31 -1.00
N ARG A 228 -14.67 -15.46 -0.87
CA ARG A 228 -14.47 -14.01 -0.87
C ARG A 228 -13.56 -13.52 0.27
N LYS A 229 -12.64 -12.66 -0.09
CA LYS A 229 -11.84 -11.91 0.89
C LYS A 229 -12.78 -11.13 1.84
N TYR A 230 -13.76 -10.47 1.26
CA TYR A 230 -14.84 -9.80 2.01
C TYR A 230 -16.20 -10.40 1.59
N ASP A 231 -17.02 -10.80 2.57
CA ASP A 231 -18.37 -11.31 2.31
CA ASP A 231 -18.33 -11.35 2.21
C ASP A 231 -19.16 -10.38 1.37
N GLU A 232 -18.97 -9.07 1.57
CA GLU A 232 -19.69 -8.01 0.85
C GLU A 232 -19.34 -7.85 -0.64
N TRP A 233 -18.23 -8.45 -1.08
CA TRP A 233 -17.64 -8.14 -2.40
C TRP A 233 -17.14 -9.35 -3.18
N GLN A 234 -17.73 -9.61 -4.36
CA GLN A 234 -17.12 -10.55 -5.30
C GLN A 234 -16.06 -9.75 -6.07
N PRO A 235 -14.77 -10.14 -5.96
CA PRO A 235 -13.74 -9.44 -6.74
C PRO A 235 -14.09 -9.40 -8.23
N ARG A 236 -13.75 -8.29 -8.90
CA ARG A 236 -14.07 -8.12 -10.32
C ARG A 236 -12.80 -8.06 -11.14
N VAL A 237 -12.89 -8.54 -12.37
CA VAL A 237 -11.77 -8.54 -13.28
C VAL A 237 -12.21 -7.78 -14.54
N LEU A 238 -11.51 -6.67 -14.79
CA LEU A 238 -11.87 -5.78 -15.90
CA LEU A 238 -11.86 -5.76 -15.90
C LEU A 238 -10.69 -5.65 -16.87
N THR A 239 -10.98 -5.19 -18.09
CA THR A 239 -9.92 -4.91 -19.05
C THR A 239 -10.03 -3.43 -19.47
N CYS A 240 -8.91 -2.90 -19.96
CA CYS A 240 -8.87 -1.51 -20.41
C CYS A 240 -7.79 -1.32 -21.46
N SER A 241 -7.84 -0.19 -22.16
CA SER A 241 -6.70 0.28 -22.93
C SER A 241 -6.40 1.68 -22.43
N ALA A 242 -5.37 1.82 -21.60
CA ALA A 242 -4.99 3.15 -21.09
C ALA A 242 -4.71 4.09 -22.26
N LEU A 243 -3.90 3.64 -23.21
CA LEU A 243 -3.46 4.48 -24.32
C LEU A 243 -4.54 4.87 -25.33
N GLU A 244 -5.67 4.15 -25.32
CA GLU A 244 -6.84 4.49 -26.13
C GLU A 244 -7.95 5.15 -25.31
N LYS A 245 -7.73 5.28 -24.01
CA LYS A 245 -8.73 5.83 -23.10
C LYS A 245 -10.08 5.09 -23.17
N ARG A 246 -10.02 3.76 -23.05
CA ARG A 246 -11.24 2.96 -22.95
CA ARG A 246 -11.23 2.95 -22.95
C ARG A 246 -11.14 2.02 -21.75
N GLY A 247 -12.24 1.89 -21.02
CA GLY A 247 -12.30 1.01 -19.87
C GLY A 247 -11.93 1.65 -18.54
N ILE A 248 -11.34 2.85 -18.60
CA ILE A 248 -10.88 3.52 -17.39
C ILE A 248 -12.06 3.99 -16.53
N ASP A 249 -13.07 4.60 -17.17
CA ASP A 249 -14.29 5.04 -16.49
CA ASP A 249 -14.24 5.04 -16.45
C ASP A 249 -14.92 3.88 -15.71
N GLU A 250 -14.92 2.71 -16.34
CA GLU A 250 -15.55 1.51 -15.78
C GLU A 250 -14.78 0.99 -14.55
N ILE A 251 -13.46 1.14 -14.58
CA ILE A 251 -12.62 0.76 -13.43
C ILE A 251 -12.92 1.67 -12.22
N TRP A 252 -13.02 2.97 -12.46
CA TRP A 252 -13.38 3.92 -11.40
C TRP A 252 -14.76 3.59 -10.85
N HIS A 253 -15.68 3.27 -11.74
CA HIS A 253 -17.01 2.89 -11.31
C HIS A 253 -17.03 1.62 -10.46
N ALA A 254 -16.17 0.67 -10.78
CA ALA A 254 -16.06 -0.55 -9.98
C ALA A 254 -15.50 -0.24 -8.60
N ILE A 255 -14.51 0.66 -8.54
CA ILE A 255 -13.96 1.11 -7.26
C ILE A 255 -15.05 1.76 -6.39
N ILE A 256 -15.87 2.60 -7.01
CA ILE A 256 -17.01 3.21 -6.30
C ILE A 256 -17.97 2.13 -5.79
N ASP A 257 -18.26 1.13 -6.63
CA ASP A 257 -19.11 -0.02 -6.25
C ASP A 257 -18.53 -0.78 -5.04
N PHE A 258 -17.21 -0.97 -5.05
CA PHE A 258 -16.49 -1.56 -3.91
C PHE A 258 -16.71 -0.74 -2.63
N LYS A 259 -16.49 0.57 -2.72
CA LYS A 259 -16.68 1.50 -1.59
C LYS A 259 -18.10 1.43 -1.04
N THR A 260 -19.09 1.47 -1.94
CA THR A 260 -20.50 1.27 -1.59
C THR A 260 -20.75 -0.05 -0.84
N ALA A 261 -20.24 -1.16 -1.37
CA ALA A 261 -20.46 -2.46 -0.76
C ALA A 261 -19.86 -2.60 0.64
N LEU A 262 -18.65 -2.08 0.81
CA LEU A 262 -17.96 -2.22 2.09
C LEU A 262 -18.47 -1.22 3.14
N THR A 263 -18.83 -0.02 2.68
CA THR A 263 -19.36 0.98 3.63
C THR A 263 -20.77 0.71 4.10
N ALA A 264 -21.56 -0.02 3.29
CA ALA A 264 -22.94 -0.40 3.67
C ALA A 264 -23.03 -1.18 4.99
N SER A 265 -22.03 -2.00 5.27
CA SER A 265 -22.01 -2.83 6.45
C SER A 265 -21.09 -2.26 7.53
N GLY A 266 -20.44 -1.14 7.25
CA GLY A 266 -19.40 -0.61 8.15
C GLY A 266 -18.08 -1.37 8.10
N ARG A 267 -17.90 -2.20 7.07
CA ARG A 267 -16.70 -3.04 6.96
CA ARG A 267 -16.71 -3.04 6.91
C ARG A 267 -15.46 -2.22 6.63
N LEU A 268 -15.59 -1.17 5.81
CA LEU A 268 -14.41 -0.36 5.46
C LEU A 268 -13.74 0.24 6.71
N GLN A 269 -14.54 0.87 7.57
CA GLN A 269 -14.02 1.40 8.85
C GLN A 269 -13.32 0.29 9.65
N GLN A 270 -13.92 -0.89 9.69
CA GLN A 270 -13.32 -2.01 10.40
C GLN A 270 -11.98 -2.43 9.81
N VAL A 271 -11.93 -2.50 8.48
CA VAL A 271 -10.71 -2.81 7.76
C VAL A 271 -9.60 -1.82 8.11
N ARG A 272 -9.89 -0.52 8.02
CA ARG A 272 -8.93 0.52 8.36
C ARG A 272 -8.39 0.41 9.79
N GLN A 273 -9.28 0.17 10.75
CA GLN A 273 -8.88 -0.05 12.16
C GLN A 273 -7.99 -1.27 12.33
N GLN A 274 -8.40 -2.39 11.72
CA GLN A 274 -7.63 -3.62 11.75
C GLN A 274 -6.25 -3.46 11.13
N GLN A 275 -6.14 -2.68 10.05
CA GLN A 275 -4.84 -2.46 9.41
C GLN A 275 -3.89 -1.73 10.36
N SER A 276 -4.42 -0.73 11.07
CA SER A 276 -3.59 0.10 11.94
C SER A 276 -3.14 -0.68 13.16
N VAL A 277 -4.06 -1.45 13.74
CA VAL A 277 -3.75 -2.32 14.88
C VAL A 277 -2.71 -3.36 14.45
N GLU A 278 -2.93 -3.99 13.29
CA GLU A 278 -2.02 -5.01 12.82
C GLU A 278 -0.61 -4.49 12.54
N TRP A 279 -0.52 -3.28 11.99
CA TRP A 279 0.80 -2.66 11.76
C TRP A 279 1.51 -2.44 13.10
N LEU A 280 0.84 -1.80 14.04
CA LEU A 280 1.39 -1.57 15.37
C LEU A 280 1.86 -2.88 16.04
N ARG A 281 1.00 -3.90 15.98
CA ARG A 281 1.29 -5.19 16.60
C ARG A 281 2.49 -5.84 15.92
N LYS A 282 2.45 -5.94 14.59
CA LYS A 282 3.55 -6.58 13.86
CA LYS A 282 3.54 -6.56 13.82
C LYS A 282 4.88 -5.85 14.05
N GLN A 283 4.88 -4.52 14.00
CA GLN A 283 6.14 -3.79 14.18
C GLN A 283 6.70 -3.92 15.59
N THR A 284 5.81 -3.98 16.58
CA THR A 284 6.21 -4.15 17.98
C THR A 284 6.85 -5.52 18.18
N GLU A 285 6.16 -6.55 17.70
CA GLU A 285 6.70 -7.91 17.74
C GLU A 285 8.04 -8.03 17.01
N GLU A 286 8.12 -7.45 15.81
CA GLU A 286 9.29 -7.60 14.93
C GLU A 286 10.52 -6.91 15.48
N GLU A 287 10.33 -5.80 16.19
CA GLU A 287 11.44 -5.11 16.85
C GLU A 287 12.02 -5.97 17.98
N VAL A 288 11.14 -6.48 18.85
CA VAL A 288 11.50 -7.40 19.93
C VAL A 288 12.25 -8.63 19.40
N LEU A 289 11.70 -9.25 18.36
CA LEU A 289 12.31 -10.43 17.75
C LEU A 289 13.63 -10.14 17.03
N ASN A 290 13.68 -9.04 16.27
CA ASN A 290 14.91 -8.62 15.59
C ASN A 290 16.07 -8.34 16.53
N HIS A 291 15.76 -7.74 17.69
CA HIS A 291 16.79 -7.49 18.68
C HIS A 291 17.39 -8.78 19.24
N LEU A 292 16.52 -9.75 19.49
CA LEU A 292 16.93 -11.09 19.96
C LEU A 292 17.77 -11.82 18.91
N PHE A 293 17.24 -11.97 17.70
CA PHE A 293 17.91 -12.72 16.65
C PHE A 293 19.11 -11.99 16.04
N ALA A 294 19.21 -10.69 16.32
CA ALA A 294 20.38 -9.90 15.94
C ALA A 294 21.54 -10.12 16.92
N ASN A 295 21.19 -10.27 18.20
CA ASN A 295 22.18 -10.55 19.24
C ASN A 295 23.17 -11.64 18.80
N GLU A 296 24.46 -11.32 18.86
CA GLU A 296 25.51 -12.20 18.34
C GLU A 296 25.59 -13.51 19.14
N ASP A 297 25.42 -13.41 20.45
CA ASP A 297 25.45 -14.57 21.33
C ASP A 297 24.24 -15.48 21.11
N PHE A 298 23.06 -14.87 20.99
CA PHE A 298 21.85 -15.65 20.79
C PHE A 298 21.81 -16.30 19.42
N ASP A 299 22.23 -15.56 18.40
CA ASP A 299 22.27 -16.08 17.03
C ASP A 299 23.16 -17.32 16.96
N ARG A 300 24.29 -17.28 17.66
CA ARG A 300 25.23 -18.39 17.72
C ARG A 300 24.61 -19.61 18.38
N TYR A 301 24.05 -19.42 19.57
CA TYR A 301 23.40 -20.47 20.34
C TYR A 301 22.19 -21.05 19.60
N TYR A 302 21.42 -20.17 18.94
CA TYR A 302 20.28 -20.59 18.12
C TYR A 302 20.73 -21.50 16.97
N ARG A 303 21.79 -21.11 16.27
CA ARG A 303 22.29 -21.88 15.14
C ARG A 303 22.86 -23.23 15.57
N GLN A 304 23.57 -23.26 16.69
CA GLN A 304 24.07 -24.51 17.28
C GLN A 304 22.94 -25.44 17.71
N THR A 305 21.87 -24.86 18.24
CA THR A 305 20.69 -25.64 18.62
C THR A 305 20.02 -26.24 17.39
N LEU A 306 19.78 -25.42 16.36
CA LEU A 306 19.25 -25.91 15.08
C LEU A 306 20.09 -27.06 14.53
N LEU A 307 21.41 -26.91 14.56
CA LEU A 307 22.28 -27.98 14.04
C LEU A 307 22.23 -29.27 14.87
N ALA A 308 22.15 -29.13 16.20
CA ALA A 308 21.94 -30.26 17.10
C ALA A 308 20.67 -31.03 16.76
N VAL A 309 19.58 -30.32 16.49
CA VAL A 309 18.33 -30.97 16.08
C VAL A 309 18.48 -31.65 14.70
N LYS A 310 19.10 -30.95 13.76
CA LYS A 310 19.28 -31.49 12.43
C LYS A 310 20.09 -32.77 12.47
N ASN A 311 21.09 -32.82 13.36
CA ASN A 311 22.00 -33.97 13.48
C ASN A 311 21.50 -35.05 14.47
N ASN A 312 20.25 -34.93 14.91
CA ASN A 312 19.58 -35.98 15.71
C ASN A 312 20.16 -36.18 17.12
N THR A 313 20.82 -35.15 17.63
CA THR A 313 21.38 -35.22 18.98
C THR A 313 20.42 -34.71 20.06
N LEU A 314 19.44 -33.90 19.66
CA LEU A 314 18.45 -33.32 20.56
C LEU A 314 17.10 -33.44 19.90
N SER A 315 16.07 -33.69 20.71
CA SER A 315 14.70 -33.57 20.20
C SER A 315 14.34 -32.10 20.05
N PRO A 316 13.34 -31.81 19.20
CA PRO A 316 12.77 -30.45 19.14
C PRO A 316 12.36 -29.91 20.53
N ARG A 317 11.73 -30.75 21.36
CA ARG A 317 11.35 -30.36 22.72
C ARG A 317 12.55 -29.77 23.48
N THR A 318 13.65 -30.52 23.50
CA THR A 318 14.86 -30.10 24.21
C THR A 318 15.46 -28.89 23.56
N GLY A 319 15.47 -28.86 22.23
CA GLY A 319 15.93 -27.67 21.51
C GLY A 319 15.19 -26.42 21.99
N LEU A 320 13.87 -26.53 22.06
CA LEU A 320 13.03 -25.41 22.48
CA LEU A 320 13.03 -25.41 22.48
C LEU A 320 13.31 -25.00 23.93
N ARG A 321 13.31 -25.97 24.83
CA ARG A 321 13.56 -25.70 26.26
C ARG A 321 14.87 -24.94 26.48
N GLN A 322 15.95 -25.40 25.86
CA GLN A 322 17.24 -24.77 26.07
C GLN A 322 17.32 -23.38 25.44
N LEU A 323 16.63 -23.17 24.31
CA LEU A 323 16.51 -21.82 23.79
C LEU A 323 15.78 -20.92 24.78
N SER A 324 14.70 -21.42 25.37
CA SER A 324 13.91 -20.66 26.36
C SER A 324 14.74 -20.30 27.58
N GLU A 325 15.47 -21.29 28.09
CA GLU A 325 16.37 -21.06 29.23
C GLU A 325 17.45 -20.03 28.90
N PHE A 326 18.06 -20.14 27.72
CA PHE A 326 19.05 -19.16 27.28
C PHE A 326 18.46 -17.74 27.29
N ILE A 327 17.24 -17.61 26.76
CA ILE A 327 16.55 -16.32 26.72
C ILE A 327 16.22 -15.75 28.12
N GLN A 328 15.69 -16.60 29.00
CA GLN A 328 15.37 -16.21 30.38
C GLN A 328 16.61 -15.75 31.14
N THR A 329 17.71 -16.47 30.95
CA THR A 329 19.00 -16.18 31.53
C THR A 329 19.74 -15.19 30.63
NA NA B . -5.68 2.63 9.08
CL CL C . 16.82 22.74 8.38
CL CL D . -17.28 2.26 6.15
CL CL E . 23.21 -27.62 21.70
CL CL F . -17.54 -16.83 -0.74
#